data_3O2D
#
_entry.id   3O2D
#
_cell.length_a   52.164
_cell.length_b   66.266
_cell.length_c   266.659
_cell.angle_alpha   90.00
_cell.angle_beta   90.00
_cell.angle_gamma   90.00
#
_symmetry.space_group_name_H-M   'P 21 21 21'
#
loop_
_entity.id
_entity.type
_entity.pdbx_description
1 polymer 'ibalizumab light chain'
2 polymer 'ibalizumab heavy chain'
3 polymer 'T-cell surface glycoprotein CD4'
4 water water
#
loop_
_entity_poly.entity_id
_entity_poly.type
_entity_poly.pdbx_seq_one_letter_code
_entity_poly.pdbx_strand_id
1 'polypeptide(L)'
;DIVMTQSPDSLAVSLGERVTMNCKSSQSLLYSTNQKNYLAWYQQKPGQSPKLLIYWASTRESGVPDRFSGSGSGTDFTLT
ISSVQAEDVAVYYCQQYYSYRTFGGGTKLEIKRTVAAPSVFIFPPSDEQLKSGTASVVCLLNNFYPREAKVQWKVDNALQ
SGNSQESVTEQDSKDSTYSLSSTLTLSKADYEKHKVYACEVTHQGLSSPVTKSFNRGEC
;
L
2 'polypeptide(L)'
;QVQLQQSGPEVVKPGASVKMSCKASGYTFTSYVIHWVRQKPGQGLDWIGYINPYNDGTDYDEKFKGKATLTSDTSTSTAY
MELSSLRSEDTAVYYCAREKDNYATGAWFAYWGQGTLVTVSSASTKGPSVFPLAPCSRSTSESTAALGCLVKDYFPEPVT
VSWNSGALTSGVHTFPAVLQSSGLYSLSSVVTVPSSSLGTKTYTCNVDHKPSNTKVDKRVESKYG
;
H
3 'polypeptide(L)'
;KKVVLGKKGDTVELTCTASQKKSIQFHWKNSNQIKILGNQGSFLTKGPSKLNDRADSRRSLWDQGNFPLIIKNLKIEDSD
TYICEVEDQKEEVQLLVFGLTANSDTHLLQGQSLTLTLESPPGSSPSVQCRSPRGKNIQGGKTLSVSQLELQDSGTWTCT
VLQNQKKVEFKIDIVVLAFQKAHHHHHH
;
A
#
# COMPACT_ATOMS: atom_id res chain seq x y z
N ASP A 1 13.06 -6.80 -12.22
CA ASP A 1 12.21 -6.96 -11.02
C ASP A 1 11.86 -8.43 -10.82
N ILE A 2 11.79 -8.83 -9.55
CA ILE A 2 11.19 -10.11 -9.19
C ILE A 2 9.68 -10.06 -9.36
N VAL A 3 9.13 -11.06 -10.03
CA VAL A 3 7.70 -11.16 -10.27
C VAL A 3 7.01 -11.97 -9.19
N MET A 4 6.03 -11.36 -8.53
CA MET A 4 5.25 -12.02 -7.49
C MET A 4 3.87 -12.44 -8.02
N THR A 5 3.53 -13.71 -7.86
CA THR A 5 2.27 -14.23 -8.39
C THR A 5 1.46 -14.85 -7.28
N GLN A 6 0.25 -14.36 -7.11
CA GLN A 6 -0.70 -14.87 -6.15
C GLN A 6 -1.81 -15.66 -6.81
N SER A 7 -2.29 -16.65 -6.08
CA SER A 7 -3.44 -17.41 -6.54
C SER A 7 -4.11 -18.05 -5.34
N PRO A 8 -5.43 -18.22 -5.44
CA PRO A 8 -6.24 -17.74 -6.57
C PRO A 8 -6.48 -16.22 -6.45
N ASP A 9 -7.09 -15.60 -7.47
CA ASP A 9 -7.44 -14.15 -7.45
C ASP A 9 -8.46 -13.84 -6.37
N SER A 10 -9.36 -14.80 -6.14
CA SER A 10 -10.44 -14.64 -5.17
C SER A 10 -10.84 -15.99 -4.61
N LEU A 11 -11.44 -15.97 -3.43
CA LEU A 11 -11.69 -17.20 -2.67
C LEU A 11 -12.92 -16.89 -1.87
N ALA A 12 -13.85 -17.84 -1.79
CA ALA A 12 -15.00 -17.76 -0.86
C ALA A 12 -14.94 -18.89 0.19
N VAL A 13 -15.07 -18.53 1.46
CA VAL A 13 -14.89 -19.50 2.51
C VAL A 13 -15.98 -19.28 3.53
N SER A 14 -16.49 -20.38 4.10
CA SER A 14 -17.49 -20.29 5.16
C SER A 14 -16.83 -19.84 6.43
N LEU A 15 -17.58 -19.08 7.23
CA LEU A 15 -17.13 -18.62 8.53
C LEU A 15 -16.55 -19.79 9.29
N GLY A 16 -15.39 -19.61 9.92
CA GLY A 16 -14.82 -20.66 10.74
C GLY A 16 -13.97 -21.66 9.99
N GLU A 17 -14.10 -21.77 8.67
CA GLU A 17 -13.23 -22.70 7.95
C GLU A 17 -11.80 -22.13 7.81
N ARG A 18 -10.88 -22.97 7.34
CA ARG A 18 -9.52 -22.60 7.10
C ARG A 18 -9.41 -22.08 5.68
N VAL A 19 -8.46 -21.17 5.48
CA VAL A 19 -8.21 -20.48 4.22
C VAL A 19 -6.73 -20.53 3.99
N THR A 20 -6.33 -20.86 2.77
CA THR A 20 -4.94 -20.88 2.33
C THR A 20 -4.81 -20.03 1.06
N MET A 21 -3.83 -19.12 1.02
CA MET A 21 -3.57 -18.24 -0.13
C MET A 21 -2.12 -18.40 -0.54
N ASN A 22 -1.85 -18.56 -1.82
CA ASN A 22 -0.50 -18.91 -2.24
C ASN A 22 0.19 -17.72 -2.92
N CYS A 23 1.50 -17.61 -2.70
CA CYS A 23 2.31 -16.55 -3.33
C CYS A 23 3.58 -17.21 -3.81
N LYS A 24 3.91 -16.97 -5.08
CA LYS A 24 5.07 -17.55 -5.72
C LYS A 24 5.94 -16.45 -6.33
N SER A 25 7.25 -16.44 -6.05
CA SER A 25 8.17 -15.49 -6.68
C SER A 25 9.00 -16.11 -7.80
N SER A 26 9.44 -15.27 -8.72
CA SER A 26 10.17 -15.70 -9.90
C SER A 26 11.60 -16.05 -9.51
N GLN A 27 12.04 -15.66 -8.31
CA GLN A 27 13.32 -16.09 -7.84
C GLN A 27 13.33 -16.24 -6.31
N SER A 28 14.30 -16.99 -5.79
CA SER A 28 14.33 -17.26 -4.35
C SER A 28 14.44 -16.00 -3.48
N LEU A 29 13.66 -15.92 -2.41
CA LEU A 29 13.69 -14.78 -1.45
C LEU A 29 14.39 -15.20 -0.18
N LEU A 30 14.96 -16.41 -0.19
CA LEU A 30 15.74 -16.92 0.93
C LEU A 30 17.16 -16.40 0.83
N TYR A 31 17.59 -15.59 1.79
CA TYR A 31 18.99 -15.20 1.82
C TYR A 31 19.83 -16.30 2.49
N SER A 32 20.67 -16.99 1.70
CA SER A 32 21.48 -18.12 2.22
C SER A 32 22.26 -17.72 3.48
N THR A 33 22.79 -16.49 3.50
CA THR A 33 23.62 -16.04 4.63
C THR A 33 22.92 -16.04 5.97
N ASN A 34 21.73 -15.44 6.07
CA ASN A 34 21.07 -15.37 7.38
C ASN A 34 19.89 -16.29 7.51
N GLN A 35 19.61 -17.02 6.45
CA GLN A 35 18.51 -17.97 6.38
C GLN A 35 17.11 -17.34 6.54
N LYS A 36 16.99 -16.06 6.18
CA LYS A 36 15.71 -15.40 6.28
C LYS A 36 15.12 -15.23 4.90
N ASN A 37 13.79 -15.40 4.86
CA ASN A 37 12.99 -15.14 3.69
C ASN A 37 12.46 -13.69 3.75
N TYR A 38 12.82 -12.90 2.73
CA TYR A 38 12.49 -11.48 2.62
C TYR A 38 11.08 -11.29 2.03
N LEU A 39 10.07 -11.70 2.80
CA LEU A 39 8.71 -11.75 2.29
C LEU A 39 7.78 -11.26 3.38
N ALA A 40 6.84 -10.39 2.97
CA ALA A 40 5.77 -9.90 3.86
C ALA A 40 4.38 -10.14 3.33
N TRP A 41 3.41 -10.12 4.23
CA TRP A 41 1.99 -10.14 3.84
C TRP A 41 1.27 -8.90 4.40
N TYR A 42 0.33 -8.38 3.61
CA TYR A 42 -0.50 -7.26 4.01
C TYR A 42 -1.98 -7.62 3.83
N GLN A 43 -2.80 -6.94 4.62
CA GLN A 43 -4.26 -7.07 4.53
C GLN A 43 -4.79 -5.73 4.11
N GLN A 44 -5.62 -5.69 3.06
CA GLN A 44 -6.24 -4.42 2.71
C GLN A 44 -7.74 -4.57 2.70
N LYS A 45 -8.35 -3.99 3.72
CA LYS A 45 -9.80 -4.00 3.87
C LYS A 45 -10.38 -2.93 2.98
N PRO A 46 -11.64 -3.12 2.55
CA PRO A 46 -12.17 -2.15 1.59
C PRO A 46 -12.13 -0.71 2.16
N GLY A 47 -11.70 0.26 1.36
CA GLY A 47 -11.60 1.64 1.86
C GLY A 47 -10.31 2.02 2.61
N GLN A 48 -9.49 1.03 3.03
CA GLN A 48 -8.35 1.35 3.87
C GLN A 48 -7.00 1.16 3.14
N SER A 49 -5.92 1.61 3.80
CA SER A 49 -4.56 1.39 3.39
C SER A 49 -4.22 -0.07 3.66
N PRO A 50 -3.22 -0.61 2.95
CA PRO A 50 -2.80 -1.92 3.33
C PRO A 50 -2.24 -1.89 4.73
N LYS A 51 -2.35 -3.02 5.41
CA LYS A 51 -1.85 -3.17 6.76
C LYS A 51 -0.96 -4.41 6.87
N LEU A 52 0.21 -4.25 7.46
CA LEU A 52 1.19 -5.34 7.64
C LEU A 52 0.66 -6.44 8.51
N LEU A 53 0.74 -7.68 8.05
CA LEU A 53 0.32 -8.81 8.87
C LEU A 53 1.52 -9.64 9.35
N ILE A 54 2.40 -9.91 8.40
CA ILE A 54 3.48 -10.86 8.58
C ILE A 54 4.72 -10.39 7.81
N TYR A 55 5.92 -10.63 8.41
CA TYR A 55 7.21 -10.30 7.76
C TYR A 55 8.17 -11.44 8.06
N TRP A 56 9.32 -11.48 7.37
CA TRP A 56 10.23 -12.63 7.41
C TRP A 56 9.46 -13.92 7.07
N ALA A 57 8.41 -13.80 6.24
CA ALA A 57 7.57 -14.93 5.81
C ALA A 57 6.64 -15.49 6.90
N SER A 58 7.04 -15.44 8.17
CA SER A 58 6.23 -16.12 9.22
C SER A 58 6.17 -15.43 10.54
N THR A 59 6.81 -14.26 10.69
CA THR A 59 6.69 -13.52 11.94
C THR A 59 5.48 -12.61 11.88
N ARG A 60 4.58 -12.85 12.81
CA ARG A 60 3.34 -12.13 12.93
C ARG A 60 3.62 -10.72 13.48
N GLU A 61 3.11 -9.70 12.82
CA GLU A 61 3.18 -8.35 13.37
C GLU A 61 2.43 -8.27 14.71
N SER A 62 2.99 -7.46 15.61
CA SER A 62 2.38 -7.15 16.89
C SER A 62 0.92 -6.69 16.73
N GLY A 63 0.00 -7.35 17.44
CA GLY A 63 -1.45 -7.03 17.34
C GLY A 63 -2.28 -7.87 16.35
N VAL A 64 -1.60 -8.62 15.49
CA VAL A 64 -2.30 -9.47 14.52
C VAL A 64 -2.72 -10.79 15.17
N PRO A 65 -3.99 -11.18 14.99
CA PRO A 65 -4.48 -12.41 15.66
C PRO A 65 -3.72 -13.65 15.17
N ASP A 66 -3.51 -14.63 16.06
CA ASP A 66 -2.68 -15.77 15.65
C ASP A 66 -3.38 -16.79 14.75
N ARG A 67 -4.66 -16.52 14.41
CA ARG A 67 -5.34 -17.22 13.31
C ARG A 67 -4.58 -16.98 11.99
N PHE A 68 -3.91 -15.82 11.86
CA PHE A 68 -3.02 -15.57 10.71
C PHE A 68 -1.67 -16.23 10.88
N SER A 69 -1.30 -17.11 9.94
CA SER A 69 0.05 -17.63 9.92
C SER A 69 0.69 -17.77 8.53
N GLY A 70 2.00 -17.56 8.46
CA GLY A 70 2.72 -17.65 7.20
C GLY A 70 3.61 -18.85 7.21
N SER A 71 3.94 -19.31 6.01
CA SER A 71 4.83 -20.43 5.85
C SER A 71 5.37 -20.40 4.44
N GLY A 72 6.29 -21.33 4.18
CA GLY A 72 6.91 -21.45 2.88
C GLY A 72 8.33 -20.95 2.91
N SER A 73 9.02 -21.07 1.78
CA SER A 73 10.40 -20.74 1.77
C SER A 73 10.88 -20.69 0.34
N GLY A 74 11.94 -19.94 0.11
CA GLY A 74 12.51 -19.92 -1.22
C GLY A 74 11.63 -19.19 -2.19
N THR A 75 10.86 -19.93 -2.98
CA THR A 75 10.01 -19.30 -4.01
C THR A 75 8.52 -19.55 -3.82
N ASP A 76 8.13 -20.22 -2.75
CA ASP A 76 6.72 -20.52 -2.59
C ASP A 76 6.20 -20.28 -1.16
N PHE A 77 5.15 -19.48 -1.01
CA PHE A 77 4.73 -19.05 0.32
C PHE A 77 3.22 -19.18 0.44
N THR A 78 2.74 -19.30 1.67
CA THR A 78 1.31 -19.46 1.94
C THR A 78 0.94 -18.54 3.12
N LEU A 79 -0.17 -17.85 2.99
CA LEU A 79 -0.80 -17.23 4.13
C LEU A 79 -2.02 -18.10 4.46
N THR A 80 -2.12 -18.46 5.74
CA THR A 80 -3.23 -19.25 6.27
C THR A 80 -4.03 -18.44 7.26
N ILE A 81 -5.34 -18.63 7.21
CA ILE A 81 -6.20 -18.19 8.28
C ILE A 81 -6.81 -19.47 8.85
N SER A 82 -6.45 -19.81 10.09
CA SER A 82 -6.81 -21.12 10.64
C SER A 82 -8.34 -21.29 10.84
N SER A 83 -9.02 -20.17 11.11
CA SER A 83 -10.48 -20.13 11.25
C SER A 83 -11.01 -18.74 10.88
N VAL A 84 -11.56 -18.57 9.66
CA VAL A 84 -11.94 -17.24 9.17
C VAL A 84 -13.05 -16.57 9.97
N GLN A 85 -12.85 -15.30 10.31
CA GLN A 85 -13.85 -14.53 10.99
C GLN A 85 -14.45 -13.53 9.98
N ALA A 86 -15.62 -12.98 10.33
CA ALA A 86 -16.32 -12.01 9.49
C ALA A 86 -15.44 -10.83 9.12
N GLU A 87 -14.67 -10.36 10.08
CA GLU A 87 -13.82 -9.19 9.86
C GLU A 87 -12.67 -9.44 8.88
N ASP A 88 -12.48 -10.67 8.45
CA ASP A 88 -11.31 -11.01 7.66
C ASP A 88 -11.53 -10.69 6.18
N VAL A 89 -12.75 -10.32 5.81
CA VAL A 89 -13.02 -9.93 4.42
C VAL A 89 -12.08 -8.81 3.98
N ALA A 90 -11.34 -9.03 2.90
CA ALA A 90 -10.30 -8.15 2.50
C ALA A 90 -9.60 -8.69 1.29
N VAL A 91 -8.65 -7.89 0.78
CA VAL A 91 -7.72 -8.43 -0.21
C VAL A 91 -6.37 -8.59 0.48
N TYR A 92 -5.70 -9.70 0.22
CA TYR A 92 -4.41 -10.03 0.81
C TYR A 92 -3.29 -9.95 -0.20
N TYR A 93 -2.22 -9.23 0.12
CA TYR A 93 -1.06 -9.06 -0.78
C TYR A 93 0.22 -9.61 -0.16
N CYS A 94 1.05 -10.27 -0.96
CA CYS A 94 2.39 -10.63 -0.49
C CYS A 94 3.30 -9.61 -1.13
N GLN A 95 4.48 -9.45 -0.55
CA GLN A 95 5.46 -8.48 -1.07
C GLN A 95 6.83 -9.04 -0.80
N GLN A 96 7.71 -9.01 -1.79
CA GLN A 96 9.09 -9.38 -1.56
C GLN A 96 9.85 -8.09 -1.32
N TYR A 97 10.81 -8.13 -0.39
CA TYR A 97 11.72 -7.03 -0.21
C TYR A 97 13.14 -7.60 -0.27
N TYR A 98 13.34 -8.67 -1.04
CA TYR A 98 14.68 -9.24 -1.24
C TYR A 98 15.55 -8.32 -2.11
N SER A 99 14.98 -7.86 -3.21
CA SER A 99 15.70 -7.05 -4.15
C SER A 99 14.70 -5.98 -4.63
N TYR A 100 14.87 -4.77 -4.10
CA TYR A 100 13.88 -3.71 -4.24
C TYR A 100 12.54 -4.24 -3.67
N ARG A 101 11.40 -3.88 -4.24
CA ARG A 101 10.10 -4.19 -3.60
C ARG A 101 9.08 -4.44 -4.69
N THR A 102 8.26 -5.48 -4.55
CA THR A 102 7.26 -5.85 -5.56
C THR A 102 6.13 -6.52 -4.77
N PHE A 103 4.90 -6.24 -5.16
CA PHE A 103 3.70 -6.87 -4.57
C PHE A 103 3.13 -7.89 -5.54
N GLY A 104 2.55 -8.98 -5.01
CA GLY A 104 1.77 -9.91 -5.82
C GLY A 104 0.47 -9.22 -6.19
N GLY A 105 -0.36 -9.82 -7.03
CA GLY A 105 -1.55 -9.09 -7.53
C GLY A 105 -2.77 -9.17 -6.58
N GLY A 106 -2.67 -9.92 -5.47
CA GLY A 106 -3.71 -9.90 -4.44
C GLY A 106 -4.64 -11.13 -4.50
N THR A 107 -5.19 -11.50 -3.35
CA THR A 107 -6.21 -12.53 -3.30
C THR A 107 -7.34 -11.91 -2.51
N LYS A 108 -8.51 -11.82 -3.13
CA LYS A 108 -9.67 -11.28 -2.49
C LYS A 108 -10.39 -12.38 -1.72
N LEU A 109 -10.64 -12.16 -0.43
CA LEU A 109 -11.36 -13.13 0.39
C LEU A 109 -12.81 -12.72 0.67
N GLU A 110 -13.75 -13.60 0.31
CA GLU A 110 -15.17 -13.41 0.54
C GLU A 110 -15.65 -14.50 1.46
N ILE A 111 -16.75 -14.23 2.16
CA ILE A 111 -17.22 -15.09 3.22
C ILE A 111 -18.54 -15.68 2.83
N LYS A 112 -18.70 -16.98 3.06
CA LYS A 112 -20.02 -17.60 2.88
C LYS A 112 -20.67 -17.73 4.23
N ARG A 113 -21.97 -17.45 4.26
CA ARG A 113 -22.76 -17.56 5.47
C ARG A 113 -24.15 -18.14 5.12
N THR A 114 -25.05 -18.22 6.09
CA THR A 114 -26.38 -18.71 5.80
C THR A 114 -27.09 -17.66 4.92
N VAL A 115 -28.12 -18.10 4.22
CA VAL A 115 -28.96 -17.21 3.41
C VAL A 115 -29.66 -16.18 4.30
N ALA A 116 -29.77 -14.94 3.81
CA ALA A 116 -30.51 -13.87 4.50
C ALA A 116 -31.27 -13.09 3.43
N ALA A 117 -32.57 -12.95 3.63
CA ALA A 117 -33.41 -12.22 2.71
C ALA A 117 -33.19 -10.71 2.91
N PRO A 118 -33.31 -9.92 1.82
CA PRO A 118 -33.13 -8.48 1.96
C PRO A 118 -34.37 -7.87 2.55
N SER A 119 -34.22 -6.79 3.32
CA SER A 119 -35.36 -5.95 3.69
C SER A 119 -35.41 -4.84 2.67
N VAL A 120 -36.59 -4.57 2.11
CA VAL A 120 -36.73 -3.71 0.94
C VAL A 120 -37.38 -2.39 1.33
N PHE A 121 -36.86 -1.29 0.77
CA PHE A 121 -37.40 0.05 1.01
C PHE A 121 -37.39 0.81 -0.29
N ILE A 122 -38.43 1.61 -0.50
CA ILE A 122 -38.52 2.49 -1.64
C ILE A 122 -38.57 3.97 -1.19
N PHE A 123 -37.89 4.85 -1.93
CA PHE A 123 -37.86 6.27 -1.61
C PHE A 123 -38.29 7.08 -2.80
N PRO A 124 -39.30 7.97 -2.62
CA PRO A 124 -39.67 8.84 -3.74
C PRO A 124 -38.61 9.93 -3.99
N PRO A 125 -38.62 10.56 -5.17
CA PRO A 125 -37.76 11.74 -5.34
C PRO A 125 -38.13 12.84 -4.30
N SER A 126 -37.15 13.61 -3.81
CA SER A 126 -37.44 14.70 -2.89
C SER A 126 -38.06 15.89 -3.60
N ASP A 127 -38.82 16.67 -2.86
CA ASP A 127 -39.35 17.95 -3.33
C ASP A 127 -38.23 18.85 -3.82
N GLU A 128 -37.11 18.82 -3.12
CA GLU A 128 -35.99 19.70 -3.43
C GLU A 128 -35.37 19.33 -4.81
N GLN A 129 -35.27 18.02 -5.09
CA GLN A 129 -34.79 17.58 -6.39
C GLN A 129 -35.82 17.93 -7.49
N LEU A 130 -37.10 17.68 -7.21
CA LEU A 130 -38.18 17.99 -8.18
C LEU A 130 -38.17 19.48 -8.58
N LYS A 131 -37.98 20.37 -7.62
CA LYS A 131 -37.79 21.78 -7.92
C LYS A 131 -36.69 22.07 -8.95
N SER A 132 -35.61 21.30 -8.92
CA SER A 132 -34.49 21.55 -9.84
C SER A 132 -34.70 20.91 -11.21
N GLY A 133 -35.76 20.10 -11.33
CA GLY A 133 -36.20 19.57 -12.64
C GLY A 133 -35.88 18.12 -12.99
N THR A 134 -35.42 17.34 -12.01
CA THR A 134 -35.07 15.92 -12.17
C THR A 134 -35.76 15.05 -11.12
N ALA A 135 -35.81 13.74 -11.34
CA ALA A 135 -36.45 12.81 -10.39
C ALA A 135 -35.68 11.50 -10.26
N SER A 136 -35.19 11.20 -9.05
CA SER A 136 -34.54 9.93 -8.80
C SER A 136 -35.39 9.14 -7.83
N VAL A 137 -35.69 7.90 -8.19
CA VAL A 137 -36.47 7.03 -7.31
C VAL A 137 -35.47 5.98 -6.89
N VAL A 138 -35.44 5.65 -5.59
CA VAL A 138 -34.42 4.75 -5.11
C VAL A 138 -35.05 3.58 -4.40
N CYS A 139 -34.55 2.38 -4.70
CA CYS A 139 -34.96 1.15 -4.05
C CYS A 139 -33.74 0.59 -3.30
N LEU A 140 -33.88 0.36 -2.00
CA LEU A 140 -32.80 -0.18 -1.14
C LEU A 140 -33.09 -1.64 -0.82
N LEU A 141 -32.08 -2.52 -0.97
CA LEU A 141 -32.17 -3.93 -0.52
C LEU A 141 -31.14 -4.08 0.57
N ASN A 142 -31.61 -4.35 1.79
CA ASN A 142 -30.72 -4.25 2.90
C ASN A 142 -30.39 -5.59 3.54
N ASN A 143 -29.09 -5.81 3.73
CA ASN A 143 -28.58 -6.92 4.52
C ASN A 143 -28.95 -8.30 4.04
N PHE A 144 -28.50 -8.67 2.87
CA PHE A 144 -28.87 -9.97 2.35
C PHE A 144 -27.66 -10.82 1.99
N TYR A 145 -27.90 -12.11 1.78
CA TYR A 145 -26.87 -13.04 1.34
C TYR A 145 -27.59 -14.23 0.70
N PRO A 146 -27.10 -14.75 -0.44
CA PRO A 146 -25.91 -14.34 -1.17
C PRO A 146 -26.11 -13.06 -2.00
N ARG A 147 -25.07 -12.72 -2.75
CA ARG A 147 -24.98 -11.49 -3.48
C ARG A 147 -26.01 -11.33 -4.58
N GLU A 148 -26.37 -12.42 -5.24
CA GLU A 148 -27.29 -12.36 -6.35
C GLU A 148 -28.66 -11.85 -5.92
N ALA A 149 -29.15 -10.82 -6.59
CA ALA A 149 -30.52 -10.29 -6.40
C ALA A 149 -30.99 -9.72 -7.72
N LYS A 150 -32.29 -9.73 -7.96
CA LYS A 150 -32.84 -9.08 -9.13
C LYS A 150 -33.81 -7.99 -8.66
N VAL A 151 -33.68 -6.80 -9.23
CA VAL A 151 -34.59 -5.67 -8.96
C VAL A 151 -35.30 -5.27 -10.26
N GLN A 152 -36.63 -5.31 -10.31
CA GLN A 152 -37.38 -4.79 -11.47
C GLN A 152 -38.17 -3.54 -11.06
N TRP A 153 -38.03 -2.45 -11.80
CA TRP A 153 -38.79 -1.22 -11.62
C TRP A 153 -40.01 -1.25 -12.51
N LYS A 154 -41.16 -0.83 -11.97
CA LYS A 154 -42.37 -0.68 -12.77
C LYS A 154 -42.97 0.66 -12.48
N VAL A 155 -43.44 1.33 -13.52
CA VAL A 155 -44.05 2.63 -13.39
C VAL A 155 -45.42 2.50 -14.05
N ASP A 156 -46.48 2.57 -13.25
CA ASP A 156 -47.84 2.25 -13.72
C ASP A 156 -47.81 0.95 -14.50
N ASN A 157 -47.13 -0.03 -13.93
CA ASN A 157 -47.03 -1.35 -14.55
C ASN A 157 -46.17 -1.51 -15.79
N ALA A 158 -45.50 -0.45 -16.24
CA ALA A 158 -44.55 -0.62 -17.34
C ALA A 158 -43.22 -1.05 -16.76
N LEU A 159 -42.72 -2.19 -17.19
CA LEU A 159 -41.40 -2.63 -16.80
C LEU A 159 -40.34 -1.64 -17.37
N GLN A 160 -39.52 -1.09 -16.49
CA GLN A 160 -38.45 -0.14 -16.86
C GLN A 160 -37.18 -0.87 -17.24
N SER A 161 -36.58 -0.47 -18.34
CA SER A 161 -35.38 -1.14 -18.80
C SER A 161 -34.37 -0.11 -19.30
N GLY A 162 -33.15 -0.16 -18.77
CA GLY A 162 -32.07 0.69 -19.25
C GLY A 162 -31.95 2.06 -18.63
N ASN A 163 -32.82 2.37 -17.66
CA ASN A 163 -32.83 3.72 -17.03
C ASN A 163 -32.59 3.65 -15.52
N SER A 164 -32.00 2.55 -15.06
CA SER A 164 -31.62 2.43 -13.66
C SER A 164 -30.16 2.04 -13.47
N GLN A 165 -29.59 2.36 -12.32
CA GLN A 165 -28.24 1.88 -12.05
C GLN A 165 -28.21 1.29 -10.65
N GLU A 166 -27.47 0.20 -10.48
CA GLU A 166 -27.35 -0.51 -9.22
C GLU A 166 -25.97 -0.32 -8.59
N SER A 167 -25.90 -0.35 -7.27
CA SER A 167 -24.62 -0.34 -6.65
C SER A 167 -24.69 -1.27 -5.45
N VAL A 168 -23.63 -2.06 -5.21
CA VAL A 168 -23.61 -3.03 -4.11
C VAL A 168 -22.47 -2.73 -3.13
N THR A 169 -22.77 -2.71 -1.82
CA THR A 169 -21.71 -2.49 -0.86
C THR A 169 -20.72 -3.68 -0.83
N GLU A 170 -19.55 -3.43 -0.24
CA GLU A 170 -18.66 -4.51 0.15
C GLU A 170 -19.32 -5.35 1.26
N GLN A 171 -18.92 -6.61 1.35
CA GLN A 171 -19.50 -7.50 2.32
C GLN A 171 -19.27 -6.93 3.73
N ASP A 172 -20.32 -6.94 4.54
CA ASP A 172 -20.24 -6.37 5.86
C ASP A 172 -19.26 -7.13 6.74
N SER A 173 -18.40 -6.38 7.40
CA SER A 173 -17.34 -6.97 8.20
C SER A 173 -17.90 -7.58 9.48
N LYS A 174 -19.15 -7.25 9.80
CA LYS A 174 -19.80 -7.76 11.03
C LYS A 174 -20.79 -8.93 10.82
N ASP A 175 -21.71 -8.80 9.86
CA ASP A 175 -22.66 -9.88 9.60
C ASP A 175 -22.52 -10.56 8.25
N SER A 176 -21.47 -10.21 7.49
CA SER A 176 -21.23 -10.81 6.17
C SER A 176 -22.32 -10.73 5.10
N THR A 177 -23.25 -9.79 5.24
CA THR A 177 -24.27 -9.52 4.23
C THR A 177 -23.85 -8.44 3.23
N TYR A 178 -24.64 -8.28 2.16
CA TYR A 178 -24.52 -7.17 1.24
C TYR A 178 -25.76 -6.26 1.32
N SER A 179 -25.65 -5.04 0.82
CA SER A 179 -26.83 -4.22 0.58
C SER A 179 -26.71 -3.72 -0.86
N LEU A 180 -27.84 -3.36 -1.45
CA LEU A 180 -27.83 -2.94 -2.84
C LEU A 180 -28.80 -1.78 -3.03
N SER A 181 -28.34 -0.81 -3.77
CA SER A 181 -29.10 0.36 -4.10
C SER A 181 -29.45 0.30 -5.58
N SER A 182 -30.69 0.59 -5.92
CA SER A 182 -31.04 0.78 -7.34
C SER A 182 -31.67 2.14 -7.52
N THR A 183 -31.15 2.92 -8.46
CA THR A 183 -31.66 4.26 -8.73
C THR A 183 -32.31 4.35 -10.09
N LEU A 184 -33.61 4.67 -10.12
CA LEU A 184 -34.33 4.93 -11.37
C LEU A 184 -34.31 6.44 -11.66
N THR A 185 -33.80 6.84 -12.82
CA THR A 185 -33.77 8.26 -13.14
C THR A 185 -34.81 8.54 -14.22
N LEU A 186 -35.65 9.55 -14.00
CA LEU A 186 -36.65 10.00 -14.95
C LEU A 186 -36.60 11.51 -14.94
N SER A 187 -36.96 12.13 -16.06
CA SER A 187 -37.14 13.57 -16.05
C SER A 187 -38.34 13.88 -15.16
N LYS A 188 -38.36 15.09 -14.61
CA LYS A 188 -39.51 15.52 -13.82
C LYS A 188 -40.84 15.42 -14.57
N ALA A 189 -40.86 15.89 -15.82
CA ALA A 189 -42.08 15.91 -16.62
C ALA A 189 -42.64 14.51 -16.72
N ASP A 190 -41.76 13.56 -16.99
CA ASP A 190 -42.13 12.16 -17.14
C ASP A 190 -42.59 11.57 -15.80
N TYR A 191 -41.88 11.90 -14.71
CA TYR A 191 -42.27 11.47 -13.36
C TYR A 191 -43.67 11.96 -13.00
N GLU A 192 -43.98 13.19 -13.39
CA GLU A 192 -45.31 13.80 -13.20
C GLU A 192 -46.42 13.13 -14.01
N LYS A 193 -46.09 12.47 -15.11
CA LYS A 193 -47.09 11.77 -15.91
C LYS A 193 -47.63 10.49 -15.27
N HIS A 194 -46.98 9.96 -14.24
CA HIS A 194 -47.35 8.61 -13.78
C HIS A 194 -47.65 8.57 -12.31
N LYS A 195 -48.31 7.50 -11.85
CA LYS A 195 -48.82 7.43 -10.48
C LYS A 195 -48.08 6.45 -9.57
N VAL A 196 -48.01 5.18 -10.00
CA VAL A 196 -47.55 4.10 -9.15
C VAL A 196 -46.08 3.75 -9.52
N TYR A 197 -45.19 3.92 -8.56
CA TYR A 197 -43.79 3.55 -8.71
C TYR A 197 -43.52 2.30 -7.86
N ALA A 198 -42.97 1.26 -8.46
CA ALA A 198 -42.75 0.02 -7.70
C ALA A 198 -41.41 -0.59 -8.01
N CYS A 199 -40.69 -1.09 -7.00
CA CYS A 199 -39.59 -2.00 -7.29
C CYS A 199 -39.91 -3.38 -6.78
N GLU A 200 -39.66 -4.37 -7.61
CA GLU A 200 -39.95 -5.72 -7.27
C GLU A 200 -38.60 -6.46 -7.12
N VAL A 201 -38.39 -7.08 -5.96
CA VAL A 201 -37.12 -7.76 -5.64
C VAL A 201 -37.28 -9.28 -5.57
N THR A 202 -36.37 -9.99 -6.24
CA THR A 202 -36.29 -11.45 -6.24
C THR A 202 -34.95 -11.84 -5.60
N HIS A 203 -34.98 -12.79 -4.68
CA HIS A 203 -33.77 -13.22 -3.95
C HIS A 203 -34.03 -14.58 -3.36
N GLN A 204 -33.03 -15.45 -3.37
CA GLN A 204 -33.32 -16.81 -2.92
C GLN A 204 -33.75 -16.91 -1.45
N GLY A 205 -33.46 -15.87 -0.66
CA GLY A 205 -33.98 -15.81 0.71
C GLY A 205 -35.49 -15.58 0.79
N LEU A 206 -36.12 -15.24 -0.33
CA LEU A 206 -37.52 -14.81 -0.36
C LEU A 206 -38.35 -15.87 -1.04
N SER A 207 -39.44 -16.28 -0.38
CA SER A 207 -40.28 -17.38 -0.86
C SER A 207 -41.05 -17.02 -2.14
N SER A 208 -41.46 -15.76 -2.25
CA SER A 208 -41.88 -15.19 -3.52
C SER A 208 -41.40 -13.73 -3.56
N PRO A 209 -41.46 -13.09 -4.75
CA PRO A 209 -40.90 -11.75 -4.85
C PRO A 209 -41.58 -10.72 -3.95
N VAL A 210 -40.82 -9.73 -3.48
CA VAL A 210 -41.31 -8.65 -2.63
C VAL A 210 -41.38 -7.34 -3.43
N THR A 211 -42.51 -6.66 -3.36
CA THR A 211 -42.70 -5.40 -4.07
C THR A 211 -42.90 -4.29 -3.07
N LYS A 212 -42.28 -3.15 -3.34
CA LYS A 212 -42.50 -2.02 -2.48
C LYS A 212 -42.85 -0.87 -3.39
N SER A 213 -43.87 -0.10 -3.04
CA SER A 213 -44.29 0.95 -3.94
C SER A 213 -44.85 2.21 -3.27
N PHE A 214 -45.00 3.28 -4.05
CA PHE A 214 -45.73 4.48 -3.61
C PHE A 214 -46.52 5.06 -4.81
N ASN A 215 -47.56 5.86 -4.53
CA ASN A 215 -48.26 6.74 -5.51
C ASN A 215 -47.78 8.17 -5.36
N ARG A 216 -47.28 8.83 -6.40
CA ARG A 216 -47.05 10.28 -6.18
C ARG A 216 -48.37 11.04 -5.95
N GLN B 1 3.57 7.92 18.34
CA GLN B 1 3.05 7.06 17.22
C GLN B 1 3.38 7.68 15.85
N VAL B 2 3.96 6.88 14.97
CA VAL B 2 4.30 7.40 13.65
C VAL B 2 3.06 7.52 12.82
N GLN B 3 2.95 8.63 12.10
CA GLN B 3 1.83 8.85 11.20
C GLN B 3 2.34 9.43 9.88
N LEU B 4 1.71 9.03 8.79
CA LEU B 4 1.98 9.58 7.49
C LEU B 4 0.69 10.20 6.95
N GLN B 5 0.67 11.52 6.82
CA GLN B 5 -0.53 12.25 6.45
C GLN B 5 -0.39 12.79 5.03
N GLN B 6 -1.21 12.28 4.12
CA GLN B 6 -1.11 12.67 2.70
C GLN B 6 -2.10 13.80 2.30
N SER B 7 -1.74 14.57 1.28
CA SER B 7 -2.58 15.64 0.75
C SER B 7 -3.90 15.11 0.13
N GLY B 8 -4.86 16.02 -0.07
CA GLY B 8 -6.18 15.70 -0.54
C GLY B 8 -6.26 15.33 -2.01
N PRO B 9 -7.39 14.78 -2.42
CA PRO B 9 -7.63 14.32 -3.77
C PRO B 9 -7.55 15.46 -4.77
N GLU B 10 -7.16 15.14 -6.02
CA GLU B 10 -6.97 16.18 -7.06
C GLU B 10 -7.44 15.69 -8.42
N VAL B 11 -8.00 16.61 -9.21
CA VAL B 11 -8.22 16.33 -10.62
C VAL B 11 -7.07 16.98 -11.34
N VAL B 12 -6.65 16.36 -12.43
CA VAL B 12 -5.53 16.85 -13.21
C VAL B 12 -5.85 16.52 -14.65
N LYS B 13 -5.42 17.41 -15.55
CA LYS B 13 -5.73 17.27 -16.97
C LYS B 13 -4.75 16.32 -17.66
N PRO B 14 -5.24 15.54 -18.64
CA PRO B 14 -4.42 14.67 -19.46
C PRO B 14 -3.25 15.47 -20.05
N GLY B 15 -2.02 15.02 -19.84
CA GLY B 15 -0.84 15.74 -20.29
C GLY B 15 -0.19 16.63 -19.23
N ALA B 16 -0.92 17.04 -18.20
CA ALA B 16 -0.29 17.89 -17.15
C ALA B 16 0.42 17.10 -16.03
N SER B 17 0.74 17.83 -14.96
CA SER B 17 1.50 17.34 -13.84
C SER B 17 0.77 17.49 -12.54
N VAL B 18 1.00 16.58 -11.60
CA VAL B 18 0.42 16.70 -10.28
C VAL B 18 1.54 16.56 -9.26
N LYS B 19 1.40 17.29 -8.16
CA LYS B 19 2.33 17.14 -7.06
C LYS B 19 1.59 16.89 -5.78
N MET B 20 1.94 15.83 -5.09
CA MET B 20 1.24 15.46 -3.87
C MET B 20 2.24 15.34 -2.73
N SER B 21 1.74 15.39 -1.49
CA SER B 21 2.61 15.39 -0.33
C SER B 21 2.30 14.30 0.70
N CYS B 22 3.29 13.99 1.53
CA CYS B 22 3.16 13.00 2.58
C CYS B 22 3.89 13.54 3.81
N LYS B 23 3.12 13.93 4.83
CA LYS B 23 3.69 14.55 6.00
C LYS B 23 3.94 13.52 7.07
N ALA B 24 5.18 13.39 7.50
CA ALA B 24 5.53 12.38 8.49
C ALA B 24 5.67 12.95 9.89
N SER B 25 5.30 12.18 10.90
CA SER B 25 5.52 12.61 12.27
C SER B 25 5.66 11.44 13.24
N GLY B 26 6.08 11.75 14.47
CA GLY B 26 6.27 10.76 15.52
C GLY B 26 7.61 10.03 15.48
N TYR B 27 8.49 10.43 14.57
CA TYR B 27 9.84 9.84 14.45
C TYR B 27 10.81 10.81 13.78
N THR B 28 12.10 10.50 13.78
CA THR B 28 13.09 11.36 13.13
C THR B 28 13.07 11.16 11.62
N PHE B 29 12.57 12.17 10.92
CA PHE B 29 12.36 12.10 9.47
C PHE B 29 13.49 11.44 8.62
N THR B 30 14.74 11.81 8.91
CA THR B 30 15.86 11.44 8.04
C THR B 30 16.39 10.05 8.39
N SER B 31 15.72 9.34 9.30
CA SER B 31 16.18 8.01 9.72
C SER B 31 15.71 6.85 8.85
N TYR B 32 14.61 7.03 8.12
CA TYR B 32 14.01 5.90 7.43
C TYR B 32 13.64 6.23 6.00
N VAL B 33 13.76 5.25 5.12
CA VAL B 33 13.36 5.43 3.72
C VAL B 33 11.82 5.50 3.57
N ILE B 34 11.34 6.43 2.73
CA ILE B 34 9.91 6.50 2.37
C ILE B 34 9.67 5.92 0.95
N HIS B 35 8.73 5.00 0.80
CA HIS B 35 8.36 4.43 -0.52
C HIS B 35 7.05 4.95 -1.06
N TRP B 36 6.82 4.84 -2.37
CA TRP B 36 5.50 5.20 -2.91
C TRP B 36 4.95 4.06 -3.73
N VAL B 37 3.61 3.98 -3.76
CA VAL B 37 2.93 2.83 -4.32
C VAL B 37 1.66 3.35 -4.99
N ARG B 38 1.38 2.82 -6.18
CA ARG B 38 0.16 3.13 -6.90
C ARG B 38 -0.91 2.00 -6.81
N GLN B 39 -2.17 2.39 -6.66
CA GLN B 39 -3.28 1.44 -6.75
C GLN B 39 -4.36 2.03 -7.63
N LYS B 40 -4.45 1.55 -8.86
CA LYS B 40 -5.59 1.94 -9.73
C LYS B 40 -6.87 1.33 -9.17
N PRO B 41 -8.03 2.01 -9.38
CA PRO B 41 -9.29 1.60 -8.76
C PRO B 41 -9.56 0.14 -9.04
N GLY B 42 -9.88 -0.61 -7.98
CA GLY B 42 -10.09 -2.07 -8.05
C GLY B 42 -8.88 -2.92 -8.43
N GLN B 43 -7.68 -2.36 -8.47
CA GLN B 43 -6.52 -3.15 -8.92
C GLN B 43 -5.51 -3.38 -7.78
N GLY B 44 -4.37 -3.99 -8.10
CA GLY B 44 -3.36 -4.31 -7.12
C GLY B 44 -2.42 -3.16 -6.82
N LEU B 45 -1.37 -3.42 -6.04
CA LEU B 45 -0.41 -2.41 -5.57
C LEU B 45 0.84 -2.43 -6.44
N ASP B 46 1.20 -1.29 -7.04
CA ASP B 46 2.37 -1.20 -7.92
C ASP B 46 3.42 -0.34 -7.22
N TRP B 47 4.57 -0.90 -6.89
CA TRP B 47 5.61 -0.12 -6.20
C TRP B 47 6.22 0.88 -7.16
N ILE B 48 6.36 2.12 -6.72
CA ILE B 48 6.83 3.19 -7.62
C ILE B 48 8.34 3.41 -7.42
N GLY B 49 8.77 3.48 -6.17
CA GLY B 49 10.13 3.96 -5.91
C GLY B 49 10.20 4.46 -4.49
N TYR B 50 11.34 5.03 -4.12
CA TYR B 50 11.56 5.55 -2.77
C TYR B 50 12.51 6.71 -2.69
N ILE B 51 12.52 7.35 -1.54
CA ILE B 51 13.42 8.45 -1.32
C ILE B 51 14.06 8.25 0.02
N ASN B 52 15.35 8.50 0.09
CA ASN B 52 16.04 8.53 1.35
C ASN B 52 16.06 10.00 1.78
N PRO B 53 15.28 10.37 2.81
CA PRO B 53 15.19 11.79 3.14
C PRO B 53 16.50 12.36 3.63
N TYR B 54 17.47 11.51 3.97
CA TYR B 54 18.73 12.00 4.53
C TYR B 54 19.47 12.91 3.55
N ASN B 55 19.56 12.48 2.30
CA ASN B 55 20.20 13.31 1.27
C ASN B 55 19.33 13.45 0.03
N ASP B 56 18.05 13.09 0.16
CA ASP B 56 17.10 13.08 -0.97
C ASP B 56 17.50 12.16 -2.11
N GLY B 57 18.37 11.17 -1.83
CA GLY B 57 18.70 10.16 -2.82
C GLY B 57 17.43 9.37 -3.20
N THR B 58 17.42 8.83 -4.40
CA THR B 58 16.21 8.33 -4.97
C THR B 58 16.41 7.07 -5.81
N ASP B 59 15.33 6.29 -5.95
CA ASP B 59 15.32 5.12 -6.83
C ASP B 59 13.91 4.87 -7.33
N TYR B 60 13.79 4.45 -8.59
CA TYR B 60 12.48 4.26 -9.23
C TYR B 60 12.36 2.89 -9.84
N ASP B 61 11.20 2.27 -9.72
CA ASP B 61 10.96 1.10 -10.55
C ASP B 61 11.04 1.44 -12.03
N GLU B 62 11.54 0.49 -12.80
CA GLU B 62 11.57 0.55 -14.28
C GLU B 62 10.32 1.23 -14.86
N LYS B 63 9.15 0.71 -14.48
CA LYS B 63 7.85 1.20 -14.93
C LYS B 63 7.60 2.69 -14.70
N PHE B 64 8.28 3.27 -13.72
CA PHE B 64 7.96 4.65 -13.36
C PHE B 64 9.10 5.65 -13.60
N LYS B 65 10.24 5.17 -14.09
CA LYS B 65 11.36 6.05 -14.44
C LYS B 65 10.92 7.09 -15.48
N GLY B 66 11.01 8.36 -15.10
CA GLY B 66 10.67 9.47 -15.99
C GLY B 66 9.25 9.93 -15.83
N LYS B 67 8.43 9.10 -15.18
CA LYS B 67 7.06 9.39 -14.91
C LYS B 67 6.90 10.03 -13.52
N ALA B 68 7.72 9.64 -12.55
CA ALA B 68 7.59 10.17 -11.19
C ALA B 68 8.86 10.87 -10.74
N THR B 69 8.73 11.82 -9.81
CA THR B 69 9.89 12.47 -9.24
C THR B 69 9.68 12.60 -7.76
N LEU B 70 10.63 12.17 -6.95
CA LEU B 70 10.45 12.25 -5.52
C LEU B 70 11.39 13.26 -4.91
N THR B 71 10.89 14.02 -3.95
CA THR B 71 11.68 15.03 -3.25
C THR B 71 11.22 14.97 -1.81
N SER B 72 11.94 15.65 -0.92
CA SER B 72 11.53 15.80 0.47
C SER B 72 12.00 17.13 1.07
N ASP B 73 11.30 17.56 2.12
CA ASP B 73 11.64 18.77 2.87
C ASP B 73 11.89 18.36 4.30
N THR B 74 13.16 18.39 4.69
CA THR B 74 13.60 17.96 6.00
C THR B 74 13.01 18.78 7.15
N SER B 75 12.95 20.10 6.99
CA SER B 75 12.48 20.98 8.03
C SER B 75 11.00 20.74 8.37
N THR B 76 10.16 20.56 7.35
CA THR B 76 8.74 20.27 7.54
C THR B 76 8.38 18.77 7.58
N SER B 77 9.40 17.92 7.51
CA SER B 77 9.17 16.47 7.62
C SER B 77 8.19 15.94 6.56
N THR B 78 8.38 16.34 5.30
CA THR B 78 7.41 16.04 4.26
C THR B 78 8.03 15.53 2.97
N ALA B 79 7.49 14.44 2.45
CA ALA B 79 7.92 13.93 1.15
C ALA B 79 6.93 14.28 0.05
N TYR B 80 7.46 14.51 -1.14
CA TYR B 80 6.60 14.88 -2.25
C TYR B 80 6.79 13.90 -3.35
N MET B 81 5.68 13.61 -4.04
CA MET B 81 5.77 12.92 -5.32
C MET B 81 5.13 13.77 -6.39
N GLU B 82 5.84 13.96 -7.49
CA GLU B 82 5.29 14.63 -8.62
C GLU B 82 5.18 13.62 -9.73
N LEU B 83 4.06 13.66 -10.45
CA LEU B 83 3.86 12.76 -11.58
C LEU B 83 3.65 13.61 -12.77
N SER B 84 4.26 13.27 -13.89
CA SER B 84 4.18 14.16 -15.00
C SER B 84 3.59 13.48 -16.23
N SER B 85 3.10 14.33 -17.15
CA SER B 85 2.66 13.85 -18.43
C SER B 85 1.59 12.78 -18.22
N LEU B 86 0.62 13.12 -17.39
CA LEU B 86 -0.42 12.19 -16.96
C LEU B 86 -1.37 11.77 -18.04
N ARG B 87 -1.76 10.52 -18.01
CA ARG B 87 -2.81 10.08 -18.91
C ARG B 87 -3.99 9.46 -18.17
N SER B 88 -5.04 9.18 -18.91
CA SER B 88 -6.27 8.71 -18.34
C SER B 88 -6.01 7.49 -17.44
N GLU B 89 -5.19 6.55 -17.92
CA GLU B 89 -4.83 5.33 -17.19
C GLU B 89 -4.02 5.54 -15.92
N ASP B 90 -3.60 6.77 -15.64
CA ASP B 90 -2.87 7.05 -14.41
C ASP B 90 -3.79 7.38 -13.23
N THR B 91 -5.11 7.47 -13.46
CA THR B 91 -6.07 7.67 -12.35
C THR B 91 -5.92 6.58 -11.27
N ALA B 92 -5.66 6.96 -10.00
CA ALA B 92 -5.33 5.98 -8.96
C ALA B 92 -5.23 6.59 -7.59
N VAL B 93 -5.24 5.73 -6.58
CA VAL B 93 -4.81 6.14 -5.24
C VAL B 93 -3.30 5.94 -5.15
N TYR B 94 -2.57 6.95 -4.67
CA TYR B 94 -1.16 6.86 -4.51
C TYR B 94 -0.90 6.92 -3.00
N TYR B 95 -0.14 5.93 -2.51
CA TYR B 95 0.28 5.83 -1.10
C TYR B 95 1.76 6.14 -0.92
N CYS B 96 2.11 6.76 0.21
CA CYS B 96 3.46 6.74 0.73
C CYS B 96 3.47 5.75 1.90
N ALA B 97 4.62 5.15 2.15
CA ALA B 97 4.80 4.19 3.22
C ALA B 97 6.23 4.24 3.71
N ARG B 98 6.40 3.94 4.99
CA ARG B 98 7.68 4.01 5.62
C ARG B 98 8.22 2.60 5.88
N GLU B 99 9.51 2.38 5.60
CA GLU B 99 10.15 1.14 6.01
C GLU B 99 10.07 0.99 7.55
N LYS B 100 9.97 -0.24 8.05
CA LYS B 100 9.94 -0.48 9.49
C LYS B 100 11.22 0.01 10.17
N ASP B 101 12.36 -0.39 9.60
CA ASP B 101 13.68 -0.04 10.17
C ASP B 101 14.67 0.41 9.06
N ASN B 102 15.96 0.50 9.37
CA ASN B 102 16.94 0.98 8.39
C ASN B 102 18.06 -0.03 8.17
N TYR B 103 18.99 0.26 7.28
CA TYR B 103 20.08 -0.65 6.97
C TYR B 103 19.66 -2.09 6.71
N ALA B 104 18.56 -2.24 5.97
CA ALA B 104 18.07 -3.55 5.48
C ALA B 104 17.48 -4.44 6.57
N THR B 105 17.42 -3.93 7.79
CA THR B 105 16.89 -4.74 8.89
C THR B 105 15.34 -4.68 9.00
N GLY B 106 14.70 -3.70 8.35
CA GLY B 106 13.24 -3.59 8.35
C GLY B 106 12.70 -3.10 7.01
N ALA B 107 12.90 -3.88 5.95
CA ALA B 107 12.68 -3.36 4.59
C ALA B 107 11.21 -3.30 4.15
N TRP B 108 10.33 -3.96 4.91
CA TRP B 108 8.88 -3.95 4.63
C TRP B 108 8.24 -2.63 5.06
N PHE B 109 7.02 -2.40 4.59
CA PHE B 109 6.30 -1.15 4.78
C PHE B 109 5.40 -1.23 6.00
N ALA B 110 5.93 -0.79 7.11
CA ALA B 110 5.24 -0.91 8.39
C ALA B 110 4.21 0.22 8.57
N TYR B 111 4.43 1.39 7.98
CA TYR B 111 3.46 2.50 8.12
C TYR B 111 3.06 3.04 6.77
N TRP B 112 1.80 3.40 6.65
CA TRP B 112 1.22 3.84 5.38
C TRP B 112 0.44 5.11 5.58
N GLY B 113 0.43 5.97 4.56
CA GLY B 113 -0.46 7.10 4.51
C GLY B 113 -1.84 6.59 4.18
N GLN B 114 -2.84 7.49 4.14
CA GLN B 114 -4.20 7.11 3.85
C GLN B 114 -4.44 7.15 2.34
N GLY B 115 -3.44 7.57 1.55
CA GLY B 115 -3.60 7.64 0.09
C GLY B 115 -4.18 8.94 -0.44
N THR B 116 -3.85 9.27 -1.69
CA THR B 116 -4.27 10.48 -2.37
C THR B 116 -4.86 10.01 -3.67
N LEU B 117 -6.14 10.25 -3.88
CA LEU B 117 -6.74 9.86 -5.11
C LEU B 117 -6.53 10.97 -6.14
N VAL B 118 -5.88 10.61 -7.26
CA VAL B 118 -5.63 11.50 -8.37
C VAL B 118 -6.42 11.03 -9.59
N THR B 119 -7.25 11.93 -10.12
CA THR B 119 -8.12 11.62 -11.25
C THR B 119 -7.59 12.41 -12.41
N VAL B 120 -7.51 11.77 -13.59
CA VAL B 120 -6.94 12.42 -14.75
C VAL B 120 -8.10 12.66 -15.71
N SER B 121 -8.49 13.93 -15.87
CA SER B 121 -9.64 14.31 -16.68
C SER B 121 -9.53 15.80 -17.04
N SER B 122 -10.05 16.19 -18.20
CA SER B 122 -10.10 17.60 -18.60
C SER B 122 -11.38 18.32 -18.12
N ALA B 123 -12.28 17.59 -17.45
CA ALA B 123 -13.58 18.17 -17.03
C ALA B 123 -13.41 19.06 -15.78
N SER B 124 -14.22 20.13 -15.70
CA SER B 124 -14.39 20.87 -14.45
C SER B 124 -14.77 19.92 -13.30
N THR B 125 -14.32 20.32 -12.11
CA THR B 125 -14.79 19.84 -10.84
C THR B 125 -16.22 20.28 -10.64
N LYS B 126 -17.04 19.50 -9.92
CA LYS B 126 -18.40 19.89 -9.61
C LYS B 126 -18.80 19.28 -8.27
N GLY B 127 -19.35 20.12 -7.40
CA GLY B 127 -19.82 19.67 -6.11
C GLY B 127 -21.16 19.00 -6.29
N PRO B 128 -21.50 18.04 -5.44
CA PRO B 128 -22.78 17.32 -5.52
C PRO B 128 -23.96 18.15 -4.96
N SER B 129 -25.15 17.87 -5.45
CA SER B 129 -26.39 18.24 -4.77
C SER B 129 -26.71 17.13 -3.82
N VAL B 130 -27.22 17.45 -2.63
CA VAL B 130 -27.56 16.43 -1.67
C VAL B 130 -29.07 16.41 -1.38
N PHE B 131 -29.72 15.27 -1.61
CA PHE B 131 -31.18 15.18 -1.49
C PHE B 131 -31.54 14.16 -0.40
N PRO B 132 -32.62 14.42 0.35
CA PRO B 132 -32.93 13.48 1.41
C PRO B 132 -33.52 12.23 0.81
N LEU B 133 -33.30 11.07 1.43
CA LEU B 133 -34.08 9.88 1.13
C LEU B 133 -34.98 9.57 2.34
N ALA B 134 -36.29 9.78 2.18
CA ALA B 134 -37.24 9.57 3.27
C ALA B 134 -38.45 8.74 2.79
N PRO B 135 -38.95 7.82 3.63
CA PRO B 135 -40.20 7.11 3.27
C PRO B 135 -41.34 8.06 2.85
N CYS B 136 -42.12 7.64 1.85
CA CYS B 136 -43.32 8.40 1.40
C CYS B 136 -44.22 8.77 2.61
N SER B 137 -44.66 7.79 3.38
CA SER B 137 -45.17 8.11 4.71
C SER B 137 -44.43 7.33 5.77
N ARG B 138 -44.18 7.98 6.90
CA ARG B 138 -43.20 7.50 7.88
C ARG B 138 -43.75 6.58 9.02
N SER B 139 -44.38 5.48 8.63
CA SER B 139 -44.97 4.55 9.61
C SER B 139 -45.52 3.33 8.89
N THR B 140 -45.54 2.21 9.62
CA THR B 140 -46.33 1.02 9.29
C THR B 140 -46.34 0.09 10.51
N SER B 141 -46.79 -1.14 10.29
CA SER B 141 -46.50 -2.25 11.19
C SER B 141 -45.01 -2.65 11.10
N GLU B 142 -44.23 -1.96 10.26
CA GLU B 142 -42.78 -2.18 10.11
C GLU B 142 -42.01 -1.67 11.34
N SER B 143 -41.23 -2.54 11.97
CA SER B 143 -40.46 -2.13 13.14
C SER B 143 -39.12 -1.41 12.84
N THR B 144 -38.60 -1.57 11.62
CA THR B 144 -37.33 -0.96 11.22
C THR B 144 -37.60 -0.08 10.00
N ALA B 145 -37.10 1.16 10.02
CA ALA B 145 -37.19 2.05 8.85
C ALA B 145 -35.82 2.38 8.26
N ALA B 146 -35.81 2.84 7.00
CA ALA B 146 -34.59 3.27 6.33
C ALA B 146 -34.69 4.72 5.94
N LEU B 147 -33.60 5.43 6.18
CA LEU B 147 -33.44 6.84 5.80
C LEU B 147 -32.12 6.95 5.06
N GLY B 148 -31.95 8.04 4.31
CA GLY B 148 -30.71 8.22 3.56
C GLY B 148 -30.51 9.61 2.97
N CYS B 149 -29.41 9.72 2.21
CA CYS B 149 -29.02 10.92 1.51
C CYS B 149 -28.51 10.50 0.13
N LEU B 150 -29.05 11.11 -0.90
CA LEU B 150 -28.58 10.91 -2.25
C LEU B 150 -27.64 12.05 -2.61
N VAL B 151 -26.40 11.68 -2.91
CA VAL B 151 -25.34 12.63 -3.19
C VAL B 151 -25.13 12.58 -4.71
N LYS B 152 -25.69 13.55 -5.42
CA LYS B 152 -25.86 13.40 -6.85
C LYS B 152 -25.00 14.38 -7.69
N ASP B 153 -24.42 13.89 -8.79
CA ASP B 153 -23.77 14.70 -9.82
C ASP B 153 -22.55 15.46 -9.35
N TYR B 154 -21.49 14.75 -8.92
CA TYR B 154 -20.29 15.42 -8.54
C TYR B 154 -19.19 14.86 -9.39
N PHE B 155 -18.07 15.58 -9.40
CA PHE B 155 -16.90 15.14 -10.12
C PHE B 155 -15.67 15.83 -9.56
N PRO B 156 -14.57 15.09 -9.39
CA PRO B 156 -14.36 13.67 -9.52
C PRO B 156 -14.62 13.01 -8.20
N GLU B 157 -14.34 11.72 -8.09
CA GLU B 157 -14.26 11.06 -6.78
C GLU B 157 -13.14 11.67 -5.91
N PRO B 158 -13.20 11.50 -4.58
CA PRO B 158 -14.20 10.85 -3.71
C PRO B 158 -15.06 11.88 -2.97
N VAL B 159 -16.14 11.37 -2.41
CA VAL B 159 -16.97 12.09 -1.49
C VAL B 159 -16.99 11.26 -0.20
N THR B 160 -17.00 11.87 0.98
CA THR B 160 -17.19 11.11 2.21
C THR B 160 -18.54 11.47 2.85
N VAL B 161 -19.19 10.48 3.46
CA VAL B 161 -20.46 10.69 4.15
C VAL B 161 -20.40 10.13 5.56
N SER B 162 -20.72 10.96 6.55
CA SER B 162 -20.95 10.45 7.90
C SER B 162 -22.38 10.79 8.31
N TRP B 163 -22.82 10.29 9.46
CA TRP B 163 -24.15 10.57 9.98
C TRP B 163 -24.04 11.11 11.39
N ASN B 164 -24.92 12.07 11.70
CA ASN B 164 -24.93 12.75 13.00
C ASN B 164 -23.52 13.06 13.50
N SER B 165 -22.70 13.66 12.61
CA SER B 165 -21.30 14.03 12.86
C SER B 165 -20.47 12.88 13.38
N GLY B 166 -20.74 11.67 12.88
CA GLY B 166 -19.97 10.51 13.31
C GLY B 166 -20.55 9.79 14.50
N ALA B 167 -21.64 10.29 15.08
CA ALA B 167 -22.18 9.61 16.25
C ALA B 167 -23.09 8.46 15.84
N LEU B 168 -23.46 8.39 14.56
CA LEU B 168 -24.32 7.31 14.12
C LEU B 168 -23.52 6.51 13.12
N THR B 169 -23.13 5.31 13.52
CA THR B 169 -22.34 4.45 12.65
C THR B 169 -22.96 3.09 12.43
N SER B 170 -23.74 2.60 13.39
CA SER B 170 -24.29 1.26 13.17
C SER B 170 -25.52 1.30 12.26
N GLY B 171 -25.55 0.35 11.31
CA GLY B 171 -26.64 0.27 10.37
C GLY B 171 -26.47 1.19 9.17
N VAL B 172 -25.34 1.90 9.10
CA VAL B 172 -25.05 2.78 7.98
C VAL B 172 -24.47 2.00 6.81
N HIS B 173 -24.95 2.24 5.59
CA HIS B 173 -24.29 1.76 4.36
C HIS B 173 -24.10 2.91 3.38
N THR B 174 -22.86 3.17 3.03
CA THR B 174 -22.59 4.15 2.01
C THR B 174 -22.20 3.34 0.80
N PHE B 175 -22.98 3.45 -0.27
CA PHE B 175 -22.71 2.69 -1.50
C PHE B 175 -21.51 3.22 -2.28
N PRO B 176 -20.82 2.32 -3.03
CA PRO B 176 -19.80 2.79 -3.99
C PRO B 176 -20.46 3.74 -5.00
N ALA B 177 -19.71 4.72 -5.47
CA ALA B 177 -20.19 5.68 -6.44
C ALA B 177 -20.42 4.99 -7.77
N VAL B 178 -21.37 5.49 -8.52
CA VAL B 178 -21.68 4.99 -9.85
C VAL B 178 -21.44 6.17 -10.80
N LEU B 179 -20.73 5.92 -11.90
CA LEU B 179 -20.53 6.88 -12.94
C LEU B 179 -21.77 6.88 -13.86
N GLN B 180 -22.50 7.99 -13.87
CA GLN B 180 -23.69 8.13 -14.69
C GLN B 180 -23.29 8.40 -16.13
N SER B 181 -24.24 8.29 -17.05
CA SER B 181 -23.98 8.60 -18.47
C SER B 181 -23.53 10.06 -18.66
N SER B 182 -24.10 10.98 -17.89
CA SER B 182 -23.60 12.34 -17.84
C SER B 182 -22.09 12.48 -17.62
N GLY B 183 -21.42 11.45 -17.13
CA GLY B 183 -20.00 11.60 -16.82
C GLY B 183 -19.77 12.12 -15.39
N LEU B 184 -20.84 12.31 -14.62
CA LEU B 184 -20.74 12.70 -13.20
C LEU B 184 -21.03 11.49 -12.29
N TYR B 185 -20.48 11.52 -11.09
CA TYR B 185 -20.80 10.47 -10.10
C TYR B 185 -22.07 10.74 -9.25
N SER B 186 -22.60 9.67 -8.70
CA SER B 186 -23.69 9.75 -7.80
C SER B 186 -23.53 8.64 -6.78
N LEU B 187 -23.96 8.89 -5.56
CA LEU B 187 -23.86 7.88 -4.51
C LEU B 187 -25.00 8.06 -3.52
N SER B 188 -25.47 6.96 -2.93
CA SER B 188 -26.42 7.03 -1.84
C SER B 188 -25.76 6.49 -0.56
N SER B 189 -26.15 7.04 0.58
CA SER B 189 -25.76 6.52 1.89
C SER B 189 -27.06 6.41 2.65
N VAL B 190 -27.28 5.26 3.27
CA VAL B 190 -28.49 4.95 4.00
C VAL B 190 -28.19 4.44 5.42
N VAL B 191 -29.21 4.50 6.27
CA VAL B 191 -29.12 3.96 7.62
C VAL B 191 -30.47 3.39 8.00
N THR B 192 -30.47 2.26 8.70
CA THR B 192 -31.69 1.67 9.22
C THR B 192 -31.81 2.00 10.69
N VAL B 193 -33.02 2.35 11.10
CA VAL B 193 -33.30 2.84 12.45
C VAL B 193 -34.68 2.31 12.86
N PRO B 194 -34.96 2.25 14.18
CA PRO B 194 -36.31 1.82 14.57
C PRO B 194 -37.38 2.80 14.11
N SER B 195 -38.44 2.31 13.46
CA SER B 195 -39.58 3.16 13.08
C SER B 195 -40.04 4.07 14.22
N SER B 196 -40.05 3.54 15.44
CA SER B 196 -40.48 4.28 16.65
C SER B 196 -39.74 5.62 16.79
N SER B 197 -38.47 5.64 16.38
CA SER B 197 -37.62 6.84 16.50
C SER B 197 -37.90 7.97 15.48
N LEU B 198 -38.63 7.66 14.40
CA LEU B 198 -38.83 8.62 13.31
C LEU B 198 -39.72 9.78 13.76
N GLY B 199 -39.20 11.00 13.63
CA GLY B 199 -39.98 12.18 14.03
C GLY B 199 -39.71 12.56 15.48
N THR B 200 -38.87 11.76 16.15
CA THR B 200 -38.33 12.13 17.46
C THR B 200 -36.82 12.37 17.38
N LYS B 201 -36.06 11.40 16.88
CA LYS B 201 -34.61 11.57 16.72
C LYS B 201 -34.29 12.30 15.42
N THR B 202 -33.20 13.03 15.46
CA THR B 202 -32.73 13.80 14.35
C THR B 202 -31.68 13.01 13.59
N TYR B 203 -31.84 12.89 12.28
CA TYR B 203 -30.85 12.24 11.44
C TYR B 203 -30.26 13.22 10.41
N THR B 204 -28.94 13.35 10.41
CA THR B 204 -28.25 14.32 9.55
C THR B 204 -27.12 13.62 8.82
N CYS B 205 -27.06 13.76 7.50
CA CYS B 205 -25.89 13.23 6.82
C CYS B 205 -24.93 14.36 6.59
N ASN B 206 -23.66 14.10 6.83
CA ASN B 206 -22.59 15.07 6.61
C ASN B 206 -21.81 14.66 5.39
N VAL B 207 -21.86 15.51 4.36
CA VAL B 207 -21.24 15.20 3.08
C VAL B 207 -20.04 16.09 2.88
N ASP B 208 -18.93 15.51 2.44
CA ASP B 208 -17.73 16.29 2.15
C ASP B 208 -17.18 15.89 0.79
N HIS B 209 -17.08 16.88 -0.11
CA HIS B 209 -16.49 16.72 -1.43
C HIS B 209 -15.30 17.67 -1.56
N LYS B 210 -14.12 17.19 -1.16
CA LYS B 210 -12.92 18.01 -1.09
C LYS B 210 -12.50 18.64 -2.41
N PRO B 211 -12.54 17.88 -3.53
CA PRO B 211 -12.04 18.59 -4.75
C PRO B 211 -12.82 19.86 -5.08
N SER B 212 -14.08 20.00 -4.67
CA SER B 212 -14.76 21.28 -4.90
C SER B 212 -14.92 22.15 -3.64
N ASN B 213 -14.28 21.79 -2.52
CA ASN B 213 -14.60 22.38 -1.20
C ASN B 213 -16.11 22.55 -0.95
N THR B 214 -16.88 21.49 -1.20
CA THR B 214 -18.30 21.45 -0.91
C THR B 214 -18.52 20.58 0.33
N LYS B 215 -19.04 21.22 1.38
CA LYS B 215 -19.54 20.49 2.54
C LYS B 215 -21.01 20.83 2.81
N VAL B 216 -21.81 19.80 3.09
CA VAL B 216 -23.23 19.93 3.35
C VAL B 216 -23.61 19.05 4.53
N ASP B 217 -24.35 19.62 5.48
CA ASP B 217 -24.99 18.82 6.53
C ASP B 217 -26.48 18.84 6.23
N LYS B 218 -27.04 17.70 5.88
CA LYS B 218 -28.45 17.65 5.56
C LYS B 218 -29.32 16.84 6.54
N ARG B 219 -30.20 17.55 7.23
CA ARG B 219 -31.17 16.87 8.13
C ARG B 219 -32.23 16.18 7.27
N VAL B 220 -32.44 14.89 7.52
CA VAL B 220 -33.33 14.07 6.70
C VAL B 220 -34.63 13.87 7.49
N GLU B 221 -35.74 14.21 6.88
CA GLU B 221 -37.02 14.05 7.54
C GLU B 221 -38.03 13.60 6.50
N SER B 222 -38.92 12.70 6.88
CA SER B 222 -40.12 12.44 6.06
C SER B 222 -41.19 13.43 6.53
N LYS C 1 24.45 -2.11 17.72
CA LYS C 1 24.93 -0.71 17.75
C LYS C 1 25.43 -0.27 16.36
N LYS C 2 26.64 -0.70 16.03
CA LYS C 2 27.41 -0.19 14.88
C LYS C 2 26.98 -0.75 13.53
N VAL C 3 27.01 0.09 12.50
CA VAL C 3 26.80 -0.37 11.13
C VAL C 3 28.02 -0.03 10.34
N VAL C 4 28.58 -1.00 9.64
CA VAL C 4 29.78 -0.80 8.82
C VAL C 4 29.47 -1.14 7.36
N LEU C 5 29.83 -0.25 6.43
CA LEU C 5 29.73 -0.52 4.99
C LEU C 5 31.06 -0.98 4.38
N GLY C 6 31.01 -2.05 3.59
CA GLY C 6 32.23 -2.55 2.93
C GLY C 6 32.02 -2.58 1.43
N LYS C 7 33.11 -2.73 0.70
CA LYS C 7 33.05 -2.81 -0.76
C LYS C 7 33.40 -4.22 -1.20
N LYS C 8 32.70 -4.68 -2.23
CA LYS C 8 32.93 -5.98 -2.80
C LYS C 8 34.40 -6.15 -3.21
N GLY C 9 34.97 -7.31 -2.90
CA GLY C 9 36.37 -7.61 -3.26
C GLY C 9 37.41 -7.04 -2.32
N ASP C 10 37.04 -6.02 -1.54
CA ASP C 10 37.92 -5.42 -0.54
C ASP C 10 37.89 -6.15 0.80
N THR C 11 38.53 -5.56 1.82
CA THR C 11 38.71 -6.18 3.14
C THR C 11 38.17 -5.20 4.20
N VAL C 12 37.53 -5.73 5.25
CA VAL C 12 37.06 -4.91 6.36
C VAL C 12 37.52 -5.45 7.68
N GLU C 13 37.64 -4.56 8.64
CA GLU C 13 37.94 -4.91 10.02
C GLU C 13 36.74 -4.50 10.88
N LEU C 14 36.06 -5.49 11.46
CA LEU C 14 35.01 -5.23 12.46
C LEU C 14 35.66 -5.23 13.84
N THR C 15 35.41 -4.18 14.62
CA THR C 15 36.07 -4.03 15.90
C THR C 15 35.30 -4.63 17.08
N CYS C 16 36.06 -4.98 18.11
CA CYS C 16 35.55 -5.50 19.36
C CYS C 16 36.54 -5.10 20.47
N THR C 17 36.04 -4.40 21.48
CA THR C 17 36.86 -4.01 22.62
C THR C 17 36.32 -4.65 23.89
N ALA C 18 37.25 -5.03 24.76
CA ALA C 18 36.91 -5.40 26.12
C ALA C 18 37.18 -4.20 27.01
N SER C 19 36.39 -4.06 28.08
CA SER C 19 36.63 -3.07 29.12
C SER C 19 38.01 -3.31 29.78
N GLN C 20 38.34 -4.60 29.94
CA GLN C 20 39.67 -5.02 30.35
C GLN C 20 40.70 -4.71 29.24
N LYS C 21 41.85 -4.16 29.64
CA LYS C 21 42.94 -3.85 28.71
C LYS C 21 44.07 -4.88 28.81
N LYS C 22 43.66 -6.15 28.96
CA LYS C 22 44.54 -7.32 29.02
C LYS C 22 43.98 -8.38 28.06
N SER C 23 44.73 -9.46 27.82
CA SER C 23 44.32 -10.51 26.89
C SER C 23 43.38 -11.54 27.55
N ILE C 24 42.12 -11.54 27.11
CA ILE C 24 41.11 -12.48 27.61
C ILE C 24 40.42 -13.20 26.45
N GLN C 25 39.62 -14.21 26.74
CA GLN C 25 39.01 -15.00 25.66
C GLN C 25 37.87 -14.27 24.94
N PHE C 26 37.70 -14.59 23.66
CA PHE C 26 36.66 -13.98 22.84
C PHE C 26 36.34 -14.92 21.67
N HIS C 27 35.18 -14.68 21.06
CA HIS C 27 34.83 -15.32 19.80
C HIS C 27 33.80 -14.50 19.02
N TRP C 28 33.78 -14.71 17.70
CA TRP C 28 32.87 -14.04 16.76
C TRP C 28 31.95 -15.06 16.13
N LYS C 29 30.71 -14.66 15.88
CA LYS C 29 29.78 -15.49 15.13
C LYS C 29 28.81 -14.62 14.32
N ASN C 30 28.07 -15.25 13.41
CA ASN C 30 27.09 -14.54 12.59
C ASN C 30 25.69 -14.62 13.22
N SER C 31 24.71 -13.99 12.57
CA SER C 31 23.34 -13.99 13.09
C SER C 31 22.73 -15.41 13.11
N ASN C 32 23.12 -16.24 12.14
CA ASN C 32 22.67 -17.65 12.03
C ASN C 32 23.39 -18.55 13.06
N GLN C 33 24.05 -17.89 14.02
CA GLN C 33 24.68 -18.50 15.21
C GLN C 33 25.97 -19.30 14.97
N ILE C 34 26.34 -19.44 13.70
CA ILE C 34 27.51 -20.24 13.29
C ILE C 34 28.81 -19.54 13.70
N LYS C 35 29.70 -20.28 14.33
CA LYS C 35 30.94 -19.68 14.84
C LYS C 35 31.95 -19.33 13.74
N ILE C 36 32.44 -18.08 13.76
CA ILE C 36 33.43 -17.65 12.78
C ILE C 36 34.85 -17.99 13.23
N LEU C 37 35.26 -17.43 14.37
CA LEU C 37 36.57 -17.68 14.95
C LEU C 37 36.65 -17.17 16.39
N GLY C 38 37.59 -17.72 17.15
CA GLY C 38 37.82 -17.37 18.55
C GLY C 38 39.21 -17.87 18.99
N ASN C 39 39.40 -18.12 20.28
CA ASN C 39 40.74 -18.53 20.75
C ASN C 39 40.82 -19.45 21.97
N GLN C 40 41.92 -20.21 22.03
CA GLN C 40 42.38 -20.98 23.20
C GLN C 40 43.77 -20.49 23.57
N GLY C 41 43.89 -19.80 24.70
CA GLY C 41 45.13 -19.07 25.04
C GLY C 41 45.30 -17.92 24.06
N SER C 42 46.41 -17.91 23.33
CA SER C 42 46.51 -17.07 22.13
C SER C 42 46.60 -17.93 20.85
N PHE C 43 45.99 -19.12 20.92
CA PHE C 43 45.79 -19.98 19.76
C PHE C 43 44.43 -19.70 19.14
N LEU C 44 44.47 -19.17 17.91
CA LEU C 44 43.28 -18.85 17.12
C LEU C 44 42.65 -20.11 16.52
N THR C 45 41.37 -20.33 16.81
CA THR C 45 40.65 -21.42 16.18
C THR C 45 39.55 -20.85 15.29
N LYS C 46 39.55 -21.24 14.03
CA LYS C 46 38.47 -20.89 13.12
C LYS C 46 37.34 -21.91 13.28
N GLY C 47 36.15 -21.58 12.80
CA GLY C 47 34.97 -22.43 12.99
C GLY C 47 34.39 -22.98 11.69
N PRO C 48 33.13 -23.40 11.73
CA PRO C 48 32.44 -23.99 10.57
C PRO C 48 32.21 -23.06 9.35
N SER C 49 31.87 -21.79 9.60
CA SER C 49 31.34 -20.85 8.58
C SER C 49 31.93 -20.84 7.15
N LYS C 50 31.06 -20.53 6.19
CA LYS C 50 31.43 -20.23 4.79
C LYS C 50 32.46 -19.08 4.66
N LEU C 51 32.82 -18.49 5.79
CA LEU C 51 33.73 -17.36 5.82
C LEU C 51 35.16 -17.86 6.05
N ASN C 52 35.27 -19.16 6.29
CA ASN C 52 36.47 -19.74 6.85
C ASN C 52 37.80 -19.21 6.29
N ASP C 53 38.02 -19.38 5.00
CA ASP C 53 39.30 -19.04 4.38
C ASP C 53 39.55 -17.55 4.36
N ARG C 54 38.47 -16.77 4.42
CA ARG C 54 38.57 -15.34 4.24
C ARG C 54 38.52 -14.57 5.56
N ALA C 55 38.25 -15.29 6.63
CA ALA C 55 38.17 -14.68 7.96
C ALA C 55 39.47 -14.90 8.74
N ASP C 56 39.89 -13.87 9.47
CA ASP C 56 41.11 -13.91 10.25
C ASP C 56 40.97 -12.89 11.39
N SER C 57 41.94 -12.89 12.30
CA SER C 57 42.05 -11.86 13.35
C SER C 57 43.43 -11.17 13.30
N ARG C 58 43.76 -10.41 14.34
CA ARG C 58 45.05 -9.70 14.43
C ARG C 58 45.70 -10.03 15.79
N ARG C 59 46.45 -11.12 15.80
CA ARG C 59 46.97 -11.75 17.01
C ARG C 59 47.76 -10.77 17.90
N SER C 60 48.46 -9.83 17.28
CA SER C 60 49.28 -8.89 18.01
C SER C 60 48.49 -7.89 18.88
N LEU C 61 47.23 -7.65 18.52
CA LEU C 61 46.42 -6.61 19.19
C LEU C 61 45.64 -7.10 20.43
N TRP C 62 45.68 -8.39 20.71
CA TRP C 62 44.85 -8.96 21.78
C TRP C 62 45.14 -8.41 23.18
N ASP C 63 46.42 -8.09 23.44
CA ASP C 63 46.86 -7.54 24.73
C ASP C 63 46.20 -6.21 25.11
N GLN C 64 46.13 -5.29 24.13
CA GLN C 64 45.46 -4.01 24.34
C GLN C 64 43.94 -4.17 24.45
N GLY C 65 43.46 -5.38 24.17
CA GLY C 65 42.04 -5.68 24.19
C GLY C 65 41.28 -5.37 22.91
N ASN C 66 41.99 -5.43 21.78
CA ASN C 66 41.36 -5.36 20.46
C ASN C 66 41.32 -6.76 19.88
N PHE C 67 40.12 -7.27 19.67
CA PHE C 67 39.91 -8.61 19.13
C PHE C 67 39.17 -8.49 17.81
N PRO C 68 39.82 -7.88 16.82
CA PRO C 68 39.05 -7.53 15.62
C PRO C 68 38.75 -8.72 14.73
N LEU C 69 37.68 -8.61 13.95
CA LEU C 69 37.34 -9.58 12.92
C LEU C 69 37.69 -8.98 11.56
N ILE C 70 38.55 -9.67 10.82
CA ILE C 70 39.00 -9.20 9.51
C ILE C 70 38.47 -10.13 8.44
N ILE C 71 37.77 -9.57 7.48
CA ILE C 71 37.15 -10.35 6.40
C ILE C 71 37.61 -9.79 5.07
N LYS C 72 38.22 -10.67 4.28
CA LYS C 72 38.90 -10.27 3.08
C LYS C 72 38.12 -10.71 1.86
N ASN C 73 38.45 -10.10 0.72
CA ASN C 73 37.80 -10.40 -0.56
C ASN C 73 36.25 -10.49 -0.39
N LEU C 74 35.71 -9.44 0.25
CA LEU C 74 34.29 -9.30 0.57
C LEU C 74 33.35 -9.67 -0.57
N LYS C 75 32.36 -10.48 -0.23
CA LYS C 75 31.24 -10.76 -1.13
C LYS C 75 29.98 -10.02 -0.65
N ILE C 76 29.06 -9.75 -1.57
CA ILE C 76 27.76 -9.15 -1.21
C ILE C 76 27.10 -9.97 -0.09
N GLU C 77 27.12 -11.28 -0.26
CA GLU C 77 26.54 -12.18 0.72
C GLU C 77 27.35 -12.34 2.02
N ASP C 78 28.38 -11.54 2.23
CA ASP C 78 28.96 -11.40 3.57
C ASP C 78 28.17 -10.41 4.44
N SER C 79 27.24 -9.71 3.82
CA SER C 79 26.41 -8.76 4.53
C SER C 79 25.60 -9.56 5.56
N ASP C 80 25.67 -9.17 6.82
CA ASP C 80 25.12 -9.95 7.93
C ASP C 80 25.36 -9.13 9.18
N THR C 81 24.70 -9.51 10.26
CA THR C 81 25.02 -8.97 11.57
C THR C 81 26.03 -9.91 12.27
N TYR C 82 27.17 -9.37 12.69
CA TYR C 82 28.19 -10.14 13.37
C TYR C 82 28.22 -9.79 14.83
N ILE C 83 28.53 -10.80 15.66
CA ILE C 83 28.47 -10.68 17.12
C ILE C 83 29.76 -11.12 17.79
N CYS C 84 30.34 -10.21 18.58
CA CYS C 84 31.55 -10.51 19.36
C CYS C 84 31.20 -10.71 20.83
N GLU C 85 31.60 -11.86 21.34
CA GLU C 85 31.34 -12.24 22.74
C GLU C 85 32.64 -12.19 23.52
N VAL C 86 32.75 -11.22 24.41
CA VAL C 86 33.95 -11.00 25.22
C VAL C 86 33.54 -10.78 26.68
N GLU C 87 34.29 -11.34 27.62
CA GLU C 87 33.97 -11.27 29.09
C GLU C 87 32.46 -11.37 29.37
N ASP C 88 31.85 -12.39 28.79
CA ASP C 88 30.39 -12.59 28.79
C ASP C 88 29.52 -11.37 28.33
N GLN C 89 30.17 -10.25 27.95
CA GLN C 89 29.53 -9.10 27.26
C GLN C 89 29.40 -9.36 25.74
N LYS C 90 28.32 -8.89 25.13
CA LYS C 90 28.06 -9.06 23.69
C LYS C 90 28.22 -7.73 22.92
N GLU C 91 28.88 -7.76 21.77
CA GLU C 91 29.13 -6.55 20.95
C GLU C 91 28.70 -6.76 19.50
N GLU C 92 27.77 -5.95 18.99
CA GLU C 92 27.13 -6.21 17.69
C GLU C 92 27.56 -5.29 16.55
N VAL C 93 27.96 -5.90 15.44
CA VAL C 93 28.38 -5.13 14.27
C VAL C 93 27.64 -5.62 13.02
N GLN C 94 26.95 -4.71 12.36
CA GLN C 94 26.24 -5.05 11.14
C GLN C 94 27.06 -4.65 9.92
N LEU C 95 27.24 -5.58 9.00
CA LEU C 95 28.04 -5.33 7.83
C LEU C 95 27.13 -5.34 6.61
N LEU C 96 27.25 -4.31 5.76
CA LEU C 96 26.59 -4.26 4.45
C LEU C 96 27.66 -4.07 3.38
N VAL C 97 27.68 -4.95 2.39
CA VAL C 97 28.69 -4.90 1.35
C VAL C 97 28.00 -4.49 0.07
N PHE C 98 28.53 -3.45 -0.58
CA PHE C 98 28.03 -2.96 -1.86
C PHE C 98 29.08 -3.10 -2.96
N GLY C 99 28.60 -3.28 -4.19
CA GLY C 99 29.43 -3.25 -5.39
C GLY C 99 28.86 -2.33 -6.47
N LEU C 100 29.72 -1.77 -7.31
CA LEU C 100 29.29 -0.86 -8.38
C LEU C 100 30.17 -1.11 -9.58
N THR C 101 29.56 -1.62 -10.66
CA THR C 101 30.34 -1.93 -11.85
C THR C 101 29.70 -1.33 -13.08
N ALA C 102 30.55 -0.94 -14.03
CA ALA C 102 30.10 -0.63 -15.38
C ALA C 102 29.71 -1.96 -15.99
N ASN C 103 28.48 -2.03 -16.48
CA ASN C 103 27.89 -3.29 -16.94
C ASN C 103 28.88 -4.24 -17.59
N SER C 104 29.35 -3.82 -18.77
CA SER C 104 30.34 -4.53 -19.57
C SER C 104 30.80 -3.53 -20.64
N ASP C 105 31.39 -2.42 -20.18
CA ASP C 105 31.68 -1.27 -21.05
C ASP C 105 32.46 -0.14 -20.34
N THR C 106 33.80 -0.20 -20.37
CA THR C 106 34.57 0.89 -19.79
C THR C 106 35.25 1.74 -20.86
N HIS C 107 35.42 1.15 -22.04
CA HIS C 107 36.01 1.86 -23.16
C HIS C 107 34.91 2.17 -24.16
N LEU C 108 34.54 3.45 -24.24
CA LEU C 108 33.42 3.87 -25.06
C LEU C 108 33.84 4.91 -26.09
N LEU C 109 32.91 5.25 -26.97
CA LEU C 109 33.14 6.34 -27.93
C LEU C 109 32.32 7.55 -27.54
N GLN C 110 32.79 8.71 -28.00
CA GLN C 110 32.09 9.98 -27.88
C GLN C 110 30.62 9.82 -28.29
N GLY C 111 29.72 10.41 -27.52
CA GLY C 111 28.28 10.34 -27.82
C GLY C 111 27.56 9.10 -27.32
N GLN C 112 28.31 8.08 -26.87
CA GLN C 112 27.69 6.84 -26.38
C GLN C 112 27.21 6.93 -24.96
N SER C 113 26.50 5.87 -24.54
CA SER C 113 25.90 5.78 -23.21
C SER C 113 26.74 5.00 -22.22
N LEU C 114 26.72 5.49 -20.99
CA LEU C 114 27.35 4.82 -19.89
C LEU C 114 26.22 4.37 -18.98
N THR C 115 26.32 3.15 -18.50
CA THR C 115 25.37 2.70 -17.51
C THR C 115 26.03 1.80 -16.42
N LEU C 116 26.02 2.32 -15.19
CA LEU C 116 26.55 1.61 -14.02
C LEU C 116 25.38 0.94 -13.28
N THR C 117 25.61 -0.28 -12.78
CA THR C 117 24.64 -0.96 -11.94
C THR C 117 25.21 -1.28 -10.56
N LEU C 118 24.38 -1.06 -9.55
CA LEU C 118 24.82 -1.19 -8.19
C LEU C 118 24.38 -2.54 -7.66
N GLU C 119 25.28 -3.19 -6.95
CA GLU C 119 24.98 -4.50 -6.32
C GLU C 119 24.89 -4.31 -4.80
N SER C 120 23.86 -4.88 -4.18
CA SER C 120 23.60 -4.63 -2.76
C SER C 120 22.94 -5.82 -2.12
N PRO C 121 23.00 -5.88 -0.80
CA PRO C 121 22.45 -7.03 -0.10
C PRO C 121 20.91 -7.01 -0.06
N PRO C 122 20.30 -8.13 0.33
CA PRO C 122 18.83 -8.22 0.37
C PRO C 122 18.24 -7.17 1.33
N GLY C 123 17.08 -6.63 0.98
CA GLY C 123 16.39 -5.66 1.83
C GLY C 123 16.94 -4.25 1.73
N SER C 124 18.05 -4.03 1.04
CA SER C 124 18.60 -2.68 0.98
C SER C 124 17.71 -1.70 0.18
N SER C 125 18.01 -0.42 0.34
CA SER C 125 17.31 0.60 -0.43
C SER C 125 18.28 1.75 -0.67
N PRO C 126 19.31 1.50 -1.51
CA PRO C 126 20.38 2.45 -1.65
C PRO C 126 20.13 3.50 -2.74
N SER C 127 21.02 4.49 -2.82
CA SER C 127 21.07 5.37 -3.97
C SER C 127 22.51 5.75 -4.23
N VAL C 128 22.76 6.23 -5.45
CA VAL C 128 24.09 6.58 -5.93
C VAL C 128 24.13 7.99 -6.48
N GLN C 129 25.23 8.68 -6.16
CA GLN C 129 25.60 9.97 -6.74
C GLN C 129 27.03 9.85 -7.27
N CYS C 130 27.24 10.12 -8.57
CA CYS C 130 28.60 10.15 -9.13
C CYS C 130 29.00 11.58 -9.52
N ARG C 131 30.30 11.86 -9.48
CA ARG C 131 30.86 13.04 -10.17
C ARG C 131 31.76 12.61 -11.31
N SER C 132 31.49 13.18 -12.48
CA SER C 132 32.29 12.98 -13.66
C SER C 132 33.59 13.75 -13.49
N PRO C 133 34.61 13.42 -14.31
CA PRO C 133 35.89 14.15 -14.34
C PRO C 133 35.70 15.68 -14.44
N ARG C 134 34.77 16.14 -15.30
CA ARG C 134 34.50 17.59 -15.47
C ARG C 134 33.55 18.15 -14.40
N GLY C 135 33.42 17.41 -13.28
CA GLY C 135 32.71 17.89 -12.09
C GLY C 135 31.20 17.97 -12.13
N LYS C 136 30.58 17.34 -13.12
CA LYS C 136 29.14 17.30 -13.17
C LYS C 136 28.57 16.15 -12.32
N ASN C 137 27.69 16.52 -11.39
CA ASN C 137 27.15 15.64 -10.36
C ASN C 137 25.90 14.89 -10.87
N ILE C 138 25.94 13.55 -10.88
CA ILE C 138 24.82 12.74 -11.41
C ILE C 138 24.18 11.78 -10.38
N GLN C 139 22.84 11.73 -10.33
CA GLN C 139 22.06 10.85 -9.41
C GLN C 139 21.52 9.58 -10.08
N GLY C 140 21.43 8.52 -9.29
CA GLY C 140 20.84 7.26 -9.72
C GLY C 140 20.46 6.40 -8.52
N GLY C 141 20.05 5.16 -8.80
CA GLY C 141 19.58 4.25 -7.77
C GLY C 141 20.22 2.92 -8.02
N LYS C 142 19.41 1.93 -8.38
CA LYS C 142 19.92 0.62 -8.75
C LYS C 142 20.86 0.76 -9.94
N THR C 143 20.51 1.72 -10.78
CA THR C 143 21.14 2.02 -12.06
C THR C 143 21.51 3.49 -12.09
N LEU C 144 22.61 3.80 -12.76
CA LEU C 144 23.02 5.17 -13.05
C LEU C 144 23.44 5.25 -14.51
N SER C 145 22.79 6.14 -15.25
CA SER C 145 22.94 6.28 -16.69
C SER C 145 23.45 7.65 -17.06
N VAL C 146 24.31 7.70 -18.07
CA VAL C 146 24.69 8.93 -18.79
C VAL C 146 24.52 8.61 -20.27
N SER C 147 23.71 9.40 -20.96
CA SER C 147 23.20 9.01 -22.28
C SER C 147 24.02 9.46 -23.50
N GLN C 148 25.09 10.23 -23.28
CA GLN C 148 25.79 10.89 -24.38
C GLN C 148 27.14 11.46 -23.90
N LEU C 149 28.10 10.56 -23.72
CA LEU C 149 29.40 10.90 -23.16
C LEU C 149 30.19 11.89 -24.01
N GLU C 150 30.82 12.84 -23.34
CA GLU C 150 31.74 13.77 -24.01
C GLU C 150 33.22 13.36 -23.83
N LEU C 151 34.13 13.97 -24.61
CA LEU C 151 35.55 13.65 -24.54
C LEU C 151 36.14 14.00 -23.18
N GLN C 152 35.56 15.03 -22.56
CA GLN C 152 35.95 15.45 -21.23
C GLN C 152 35.40 14.52 -20.11
N ASP C 153 34.54 13.55 -20.44
CA ASP C 153 34.02 12.57 -19.45
C ASP C 153 34.96 11.39 -19.23
N SER C 154 36.06 11.38 -20.00
CA SER C 154 37.04 10.30 -19.95
C SER C 154 37.98 10.56 -18.80
N GLY C 155 38.09 9.61 -17.89
CA GLY C 155 38.82 9.79 -16.65
C GLY C 155 38.15 9.05 -15.51
N THR C 156 38.48 9.47 -14.29
CA THR C 156 38.01 8.80 -13.07
C THR C 156 36.70 9.41 -12.54
N TRP C 157 35.65 8.59 -12.47
CA TRP C 157 34.40 9.00 -11.88
C TRP C 157 34.39 8.59 -10.41
N THR C 158 33.93 9.49 -9.55
CA THR C 158 33.87 9.22 -8.11
C THR C 158 32.42 9.10 -7.65
N CYS C 159 32.02 7.86 -7.32
CA CYS C 159 30.63 7.52 -7.06
C CYS C 159 30.39 7.15 -5.62
N THR C 160 29.44 7.81 -4.97
CA THR C 160 29.17 7.45 -3.60
C THR C 160 27.79 6.82 -3.41
N VAL C 161 27.80 5.65 -2.79
CA VAL C 161 26.62 4.82 -2.56
C VAL C 161 26.23 5.02 -1.11
N LEU C 162 24.96 5.33 -0.91
CA LEU C 162 24.47 5.65 0.40
C LEU C 162 23.27 4.79 0.74
N GLN C 163 23.32 4.21 1.93
CA GLN C 163 22.19 3.49 2.52
C GLN C 163 21.87 4.22 3.83
N ASN C 164 20.67 4.83 3.90
CA ASN C 164 20.26 5.65 5.04
C ASN C 164 21.32 6.74 5.34
N GLN C 165 22.14 6.57 6.39
CA GLN C 165 23.12 7.59 6.77
C GLN C 165 24.60 7.15 6.71
N LYS C 166 24.86 6.02 6.05
CA LYS C 166 26.23 5.54 5.83
C LYS C 166 26.51 5.45 4.34
N LYS C 167 27.74 5.75 3.97
CA LYS C 167 28.13 5.86 2.58
C LYS C 167 29.43 5.11 2.36
N VAL C 168 29.60 4.59 1.16
CA VAL C 168 30.83 3.97 0.72
C VAL C 168 31.15 4.58 -0.64
N GLU C 169 32.42 4.81 -0.89
CA GLU C 169 32.81 5.55 -2.08
C GLU C 169 33.53 4.65 -3.07
N PHE C 170 33.17 4.75 -4.34
CA PHE C 170 33.84 4.03 -5.42
C PHE C 170 34.54 4.99 -6.41
N LYS C 171 35.58 4.46 -7.08
CA LYS C 171 36.25 5.13 -8.20
C LYS C 171 36.18 4.24 -9.43
N ILE C 172 35.70 4.80 -10.54
CA ILE C 172 35.49 4.03 -11.75
C ILE C 172 36.16 4.79 -12.86
N ASP C 173 37.02 4.09 -13.59
CA ASP C 173 37.76 4.61 -14.70
C ASP C 173 37.03 4.33 -16.01
N ILE C 174 36.77 5.41 -16.74
CA ILE C 174 36.05 5.32 -18.00
C ILE C 174 36.83 6.04 -19.08
N VAL C 175 37.04 5.34 -20.19
CA VAL C 175 37.70 5.87 -21.37
C VAL C 175 36.64 6.27 -22.41
N VAL C 176 36.67 7.53 -22.81
CA VAL C 176 35.82 8.01 -23.89
C VAL C 176 36.76 8.53 -25.00
N LEU C 177 36.73 7.89 -26.17
CA LEU C 177 37.57 8.29 -27.32
C LEU C 177 36.74 8.88 -28.43
N ALA C 178 37.41 9.49 -29.40
CA ALA C 178 36.76 10.09 -30.56
C ALA C 178 36.42 9.06 -31.64
#